data_3NZK
#
_entry.id   3NZK
#
_cell.length_a   46.812
_cell.length_b   47.614
_cell.length_c   68.410
_cell.angle_alpha   74.53
_cell.angle_beta   87.87
_cell.angle_gamma   68.98
#
_symmetry.space_group_name_H-M   'P 1'
#
loop_
_entity.id
_entity.type
_entity.pdbx_description
1 polymer 'UDP-3-O-[3-hydroxymyristoyl] N-acetylglucosamine deacetylase'
2 non-polymer N-{(1S,2R)-2-hydroxy-1-[(hydroxyamino)carbonyl]propyl}-4-{[4-(morpholin-4-ylmethyl)phenyl]ethynyl}benzamide
3 non-polymer 'ZINC ION'
4 non-polymer GLYCEROL
5 water water
#
_entity_poly.entity_id   1
_entity_poly.type   'polypeptide(L)'
_entity_poly.pdbx_seq_one_letter_code
;MRDKTMIKQRTLKRIVQATGVGLHTGKKVTLTMRPAPANTGVIYRRTDLNPPVDFPADAKSVRDTMLCTCLVNEHDVRIS
TVEHLNAALAGLGIDNIIIEVNAPEVPIMDGSASPFVYLLLDAGIEELNSAKKFLRLKETVRVEDGDKWAELSPFNGFRL
DFTIDFNHPAIDSSTQRYRLDFSADSFVRQISRARTFGFMRDIEYLQSRGLCLGGSFDCAIVVDDYRVLNEDGLRFEDEF
VRHKMLDAIGDLFMCGHNIIGAFTAYKSGHALNNKLLQAVLAKQEAWEFVTFQDEAEMPLAFKAPSTVLAY
;
_entity_poly.pdbx_strand_id   A,B
#
# COMPACT_ATOMS: atom_id res chain seq x y z
N MET A 6 -7.17 -26.76 -1.12
CA MET A 6 -6.90 -26.39 0.26
C MET A 6 -6.94 -24.86 0.43
N ILE A 7 -7.70 -24.39 1.42
CA ILE A 7 -7.67 -22.97 1.75
C ILE A 7 -6.46 -22.73 2.65
N LYS A 8 -5.52 -21.93 2.17
CA LYS A 8 -4.20 -21.84 2.80
C LYS A 8 -4.04 -20.68 3.79
N GLN A 9 -3.15 -20.89 4.76
CA GLN A 9 -2.72 -19.82 5.65
C GLN A 9 -2.03 -18.69 4.91
N ARG A 10 -2.11 -17.49 5.48
CA ARG A 10 -1.63 -16.29 4.81
C ARG A 10 -0.62 -15.59 5.70
N THR A 11 0.42 -15.06 5.08
CA THR A 11 1.34 -14.17 5.79
C THR A 11 1.69 -13.05 4.82
N LEU A 12 2.70 -12.26 5.16
CA LEU A 12 3.19 -11.17 4.32
C LEU A 12 4.32 -11.66 3.42
N LYS A 13 4.55 -10.97 2.31
CA LYS A 13 5.69 -11.26 1.45
C LYS A 13 6.91 -10.46 1.90
N ARG A 14 6.65 -9.23 2.32
CA ARG A 14 7.71 -8.28 2.67
C ARG A 14 7.56 -7.68 4.07
N ILE A 15 8.66 -7.18 4.59
CA ILE A 15 8.67 -6.47 5.85
C ILE A 15 8.27 -5.05 5.55
N VAL A 16 7.37 -4.49 6.35
CA VAL A 16 6.94 -3.11 6.17
C VAL A 16 7.01 -2.38 7.50
N GLN A 17 7.07 -1.06 7.43
CA GLN A 17 7.32 -0.27 8.61
C GLN A 17 6.56 1.04 8.52
N ALA A 18 6.02 1.50 9.66
CA ALA A 18 5.40 2.80 9.76
C ALA A 18 5.71 3.41 11.13
N THR A 19 5.77 4.73 11.19
CA THR A 19 6.00 5.41 12.45
C THR A 19 4.79 6.30 12.75
N GLY A 20 4.50 6.48 14.03
CA GLY A 20 3.36 7.29 14.44
C GLY A 20 3.46 7.60 15.92
N VAL A 21 2.33 7.89 16.55
CA VAL A 21 2.30 8.08 18.01
C VAL A 21 1.14 7.31 18.61
N GLY A 22 1.34 6.85 19.84
CA GLY A 22 0.31 6.16 20.57
C GLY A 22 -0.76 7.13 21.04
N LEU A 23 -2.02 6.74 20.88
CA LEU A 23 -3.16 7.55 21.30
C LEU A 23 -3.09 7.93 22.79
N HIS A 24 -2.82 6.97 23.65
CA HIS A 24 -2.85 7.25 25.09
C HIS A 24 -1.50 7.62 25.70
N THR A 25 -0.43 6.97 25.25
CA THR A 25 0.90 7.30 25.77
C THR A 25 1.42 8.58 25.16
N GLY A 26 1.01 8.87 23.92
CA GLY A 26 1.57 9.98 23.19
C GLY A 26 3.02 9.74 22.76
N LYS A 27 3.51 8.52 22.95
CA LYS A 27 4.90 8.20 22.64
C LYS A 27 5.13 7.91 21.15
N LYS A 28 6.25 8.41 20.62
CA LYS A 28 6.64 8.10 19.26
C LYS A 28 6.97 6.62 19.21
N VAL A 29 6.49 5.95 18.17
CA VAL A 29 6.66 4.50 18.05
C VAL A 29 6.76 4.10 16.59
N THR A 30 7.62 3.12 16.33
CA THR A 30 7.75 2.54 15.01
C THR A 30 7.15 1.15 15.04
N LEU A 31 6.25 0.91 14.09
CA LEU A 31 5.61 -0.37 13.91
C LEU A 31 6.30 -1.09 12.76
N THR A 32 6.73 -2.32 13.01
CA THR A 32 7.32 -3.15 11.97
C THR A 32 6.59 -4.47 11.88
N MET A 33 6.13 -4.81 10.68
CA MET A 33 5.42 -6.05 10.50
C MET A 33 6.22 -6.97 9.59
N ARG A 34 6.41 -8.21 10.04
CA ARG A 34 7.28 -9.17 9.37
C ARG A 34 6.55 -10.45 8.97
N PRO A 35 6.91 -11.02 7.81
CA PRO A 35 6.36 -12.33 7.46
C PRO A 35 6.73 -13.36 8.54
N ALA A 36 5.95 -14.44 8.63
CA ALA A 36 6.28 -15.55 9.51
C ALA A 36 5.78 -16.84 8.89
N PRO A 37 6.39 -17.98 9.25
CA PRO A 37 6.06 -19.32 8.74
C PRO A 37 4.65 -19.83 9.15
N ALA A 38 4.15 -20.81 8.40
CA ALA A 38 2.86 -21.43 8.74
C ALA A 38 2.85 -21.90 10.18
N ASN A 39 1.67 -21.85 10.80
CA ASN A 39 1.49 -22.27 12.17
C ASN A 39 2.24 -21.45 13.22
N THR A 40 2.70 -20.27 12.83
CA THR A 40 3.32 -19.35 13.77
C THR A 40 2.25 -18.63 14.58
N GLY A 41 1.22 -18.11 13.89
CA GLY A 41 0.21 -17.31 14.56
C GLY A 41 0.57 -15.83 14.55
N VAL A 42 -0.23 -15.04 15.25
CA VAL A 42 0.01 -13.61 15.38
C VAL A 42 0.80 -13.38 16.65
N ILE A 43 1.96 -12.74 16.50
CA ILE A 43 2.82 -12.45 17.65
C ILE A 43 3.14 -10.96 17.67
N TYR A 44 2.98 -10.35 18.84
CA TYR A 44 3.31 -8.94 19.04
CA TYR A 44 3.31 -8.95 19.04
C TYR A 44 4.59 -8.91 19.88
N ARG A 45 5.47 -7.96 19.59
CA ARG A 45 6.75 -7.92 20.28
C ARG A 45 7.16 -6.49 20.67
N ARG A 46 7.55 -6.31 21.92
CA ARG A 46 8.22 -5.07 22.34
C ARG A 46 9.71 -5.22 22.08
N THR A 47 10.24 -4.48 21.11
CA THR A 47 11.64 -4.65 20.71
C THR A 47 12.57 -3.63 21.34
N ASP A 48 12.00 -2.70 22.11
CA ASP A 48 12.79 -1.71 22.84
C ASP A 48 13.34 -2.24 24.16
N LEU A 49 12.82 -3.38 24.61
CA LEU A 49 13.27 -4.01 25.84
C LEU A 49 14.34 -5.06 25.56
N ASN A 50 15.26 -5.24 26.51
CA ASN A 50 16.29 -6.27 26.41
C ASN A 50 16.24 -7.18 27.62
N PRO A 51 15.82 -8.43 27.42
CA PRO A 51 15.47 -8.98 26.11
C PRO A 51 14.08 -8.50 25.66
N PRO A 52 13.78 -8.63 24.37
CA PRO A 52 12.47 -8.26 23.83
C PRO A 52 11.39 -9.12 24.46
N VAL A 53 10.16 -8.64 24.46
CA VAL A 53 9.06 -9.36 25.08
C VAL A 53 7.99 -9.67 24.05
N ASP A 54 7.61 -10.94 23.94
CA ASP A 54 6.59 -11.40 22.99
C ASP A 54 5.22 -11.58 23.66
N PHE A 55 4.16 -11.34 22.90
CA PHE A 55 2.80 -11.60 23.35
C PHE A 55 2.12 -12.43 22.25
N PRO A 56 1.27 -13.40 22.61
CA PRO A 56 0.53 -14.06 21.55
C PRO A 56 -0.82 -13.40 21.35
N ALA A 57 -1.43 -13.61 20.19
CA ALA A 57 -2.83 -13.25 20.04
C ALA A 57 -3.61 -14.32 20.79
N ASP A 58 -3.90 -14.03 22.06
CA ASP A 58 -4.68 -14.94 22.89
C ASP A 58 -5.60 -14.11 23.75
N ALA A 59 -6.85 -14.51 23.84
CA ALA A 59 -7.85 -13.75 24.60
C ALA A 59 -7.37 -13.48 26.02
N LYS A 60 -6.59 -14.41 26.57
CA LYS A 60 -6.20 -14.30 27.97
C LYS A 60 -5.09 -13.30 28.23
N SER A 61 -4.48 -12.75 27.18
CA SER A 61 -3.41 -11.79 27.37
CA SER A 61 -3.40 -11.79 27.38
C SER A 61 -3.90 -10.35 27.31
N VAL A 62 -5.22 -10.18 27.27
CA VAL A 62 -5.85 -8.86 27.20
C VAL A 62 -6.04 -8.29 28.60
N ARG A 63 -5.54 -7.07 28.81
CA ARG A 63 -5.61 -6.40 30.11
C ARG A 63 -7.04 -6.13 30.56
N ASP A 64 -7.30 -6.21 31.86
CA ASP A 64 -8.63 -5.91 32.37
C ASP A 64 -8.89 -4.40 32.37
N THR A 65 -9.45 -3.89 31.27
CA THR A 65 -9.81 -2.48 31.15
C THR A 65 -10.81 -2.31 30.02
N MET A 66 -11.61 -1.24 30.10
CA MET A 66 -12.51 -0.89 29.00
C MET A 66 -11.89 0.11 28.02
N LEU A 67 -10.71 0.63 28.36
CA LEU A 67 -10.15 1.73 27.57
C LEU A 67 -9.87 1.32 26.14
N CYS A 68 -9.15 0.20 25.99
CA CYS A 68 -8.71 -0.25 24.69
C CYS A 68 -8.39 -1.73 24.87
N THR A 69 -7.92 -2.37 23.82
CA THR A 69 -7.48 -3.74 23.93
C THR A 69 -5.96 -3.72 24.07
N CYS A 70 -5.49 -4.09 25.26
CA CYS A 70 -4.09 -3.92 25.62
C CYS A 70 -3.53 -5.26 26.02
N LEU A 71 -2.39 -5.62 25.45
CA LEU A 71 -1.74 -6.88 25.79
C LEU A 71 -0.90 -6.64 27.01
N VAL A 72 -0.83 -7.62 27.89
CA VAL A 72 -0.06 -7.48 29.11
C VAL A 72 0.43 -8.85 29.55
N ASN A 73 1.60 -8.89 30.18
CA ASN A 73 2.13 -10.16 30.66
C ASN A 73 2.23 -10.15 32.18
N GLU A 74 2.75 -11.24 32.74
CA GLU A 74 2.81 -11.40 34.20
C GLU A 74 3.64 -10.31 34.86
N HIS A 75 4.52 -9.67 34.09
CA HIS A 75 5.38 -8.63 34.63
C HIS A 75 4.84 -7.23 34.36
N ASP A 76 3.66 -7.17 33.78
CA ASP A 76 2.98 -5.90 33.52
C ASP A 76 3.63 -5.07 32.41
N VAL A 77 4.35 -5.74 31.52
CA VAL A 77 4.81 -5.12 30.30
C VAL A 77 3.60 -5.09 29.37
N ARG A 78 3.42 -4.00 28.64
CA ARG A 78 2.20 -3.79 27.84
C ARG A 78 2.46 -3.49 26.37
N ILE A 79 1.45 -3.80 25.54
CA ILE A 79 1.34 -3.24 24.20
C ILE A 79 -0.08 -2.78 24.08
N SER A 80 -0.27 -1.47 24.09
CA SER A 80 -1.61 -0.92 24.18
C SER A 80 -2.21 -0.66 22.81
N THR A 81 -3.53 -0.76 22.76
CA THR A 81 -4.32 -0.27 21.63
C THR A 81 -4.05 -1.07 20.34
N VAL A 82 -4.24 -2.38 20.43
CA VAL A 82 -4.00 -3.26 19.29
C VAL A 82 -5.24 -3.49 18.43
N GLU A 83 -6.40 -2.99 18.88
CA GLU A 83 -7.68 -3.33 18.22
C GLU A 83 -7.81 -2.93 16.74
N HIS A 84 -7.27 -1.77 16.35
CA HIS A 84 -7.46 -1.32 14.97
C HIS A 84 -6.56 -2.08 13.99
N LEU A 85 -5.32 -2.31 14.41
CA LEU A 85 -4.40 -3.14 13.63
C LEU A 85 -4.96 -4.56 13.54
N ASN A 86 -5.46 -5.09 14.66
CA ASN A 86 -6.07 -6.42 14.65
C ASN A 86 -7.24 -6.54 13.69
N ALA A 87 -8.03 -5.49 13.58
CA ALA A 87 -9.17 -5.53 12.66
C ALA A 87 -8.68 -5.64 11.23
N ALA A 88 -7.60 -4.92 10.89
CA ALA A 88 -7.05 -5.04 9.54
C ALA A 88 -6.53 -6.47 9.26
N LEU A 89 -5.93 -7.09 10.27
CA LEU A 89 -5.39 -8.45 10.11
C LEU A 89 -6.53 -9.43 9.89
N ALA A 90 -7.59 -9.26 10.69
CA ALA A 90 -8.78 -10.10 10.54
C ALA A 90 -9.39 -9.89 9.18
N GLY A 91 -9.48 -8.63 8.77
CA GLY A 91 -10.08 -8.30 7.48
C GLY A 91 -9.39 -8.90 6.27
N LEU A 92 -8.06 -8.98 6.30
CA LEU A 92 -7.30 -9.60 5.20
C LEU A 92 -6.97 -11.07 5.42
N GLY A 93 -7.44 -11.62 6.55
CA GLY A 93 -7.28 -13.03 6.82
C GLY A 93 -5.86 -13.46 7.11
N ILE A 94 -5.08 -12.56 7.71
CA ILE A 94 -3.68 -12.87 8.03
C ILE A 94 -3.61 -13.85 9.22
N ASP A 95 -2.90 -14.95 9.03
CA ASP A 95 -2.81 -16.01 10.04
C ASP A 95 -1.51 -15.92 10.83
N ASN A 96 -0.44 -15.55 10.14
CA ASN A 96 0.91 -15.60 10.66
C ASN A 96 1.62 -14.30 10.39
N ILE A 97 2.07 -13.65 11.47
CA ILE A 97 2.73 -12.35 11.35
C ILE A 97 3.44 -11.98 12.65
N ILE A 98 4.59 -11.34 12.54
CA ILE A 98 5.26 -10.76 13.71
C ILE A 98 5.02 -9.27 13.64
N ILE A 99 4.41 -8.72 14.67
CA ILE A 99 4.18 -7.29 14.77
C ILE A 99 5.08 -6.74 15.87
N GLU A 100 6.01 -5.87 15.48
CA GLU A 100 6.98 -5.30 16.43
C GLU A 100 6.71 -3.84 16.68
N VAL A 101 6.75 -3.44 17.94
CA VAL A 101 6.71 -2.01 18.28
C VAL A 101 7.82 -1.70 19.26
N ASN A 102 8.41 -0.52 19.13
CA ASN A 102 9.51 -0.11 20.02
C ASN A 102 9.04 0.86 21.10
N ALA A 103 7.77 0.73 21.48
CA ALA A 103 7.16 1.53 22.53
C ALA A 103 5.91 0.78 23.00
N PRO A 104 5.33 1.18 24.14
CA PRO A 104 4.23 0.40 24.75
C PRO A 104 2.85 0.54 24.11
N GLU A 105 2.78 0.99 22.87
CA GLU A 105 1.50 1.21 22.21
C GLU A 105 1.62 1.17 20.69
N VAL A 106 0.61 0.62 20.02
CA VAL A 106 0.53 0.64 18.55
C VAL A 106 0.20 2.08 18.11
N PRO A 107 0.82 2.57 17.03
CA PRO A 107 0.51 3.97 16.68
C PRO A 107 -0.96 4.13 16.27
N ILE A 108 -1.55 5.29 16.57
CA ILE A 108 -2.98 5.47 16.32
C ILE A 108 -3.25 5.82 14.85
N MET A 109 -2.24 6.34 14.16
CA MET A 109 -2.37 6.78 12.78
C MET A 109 -3.56 7.72 12.65
N ASP A 110 -4.46 7.46 11.72
CA ASP A 110 -5.63 8.33 11.52
C ASP A 110 -6.85 7.92 12.36
N GLY A 111 -6.65 6.96 13.27
CA GLY A 111 -7.69 6.48 14.15
C GLY A 111 -8.52 5.33 13.59
N SER A 112 -8.24 4.92 12.34
CA SER A 112 -9.03 3.85 11.71
C SER A 112 -8.12 2.66 11.46
N ALA A 113 -8.60 1.65 10.72
CA ALA A 113 -7.75 0.52 10.41
C ALA A 113 -7.15 0.66 9.00
N SER A 114 -7.60 1.66 8.26
CA SER A 114 -7.22 1.83 6.85
C SER A 114 -5.69 1.96 6.64
N PRO A 115 -5.00 2.72 7.49
CA PRO A 115 -3.54 2.79 7.28
C PRO A 115 -2.88 1.41 7.42
N PHE A 116 -3.41 0.55 8.27
CA PHE A 116 -2.87 -0.81 8.41
C PHE A 116 -3.22 -1.69 7.23
N VAL A 117 -4.45 -1.58 6.74
CA VAL A 117 -4.80 -2.25 5.50
C VAL A 117 -3.81 -1.89 4.38
N TYR A 118 -3.55 -0.60 4.22
CA TYR A 118 -2.62 -0.17 3.19
C TYR A 118 -1.22 -0.78 3.33
N LEU A 119 -0.71 -0.81 4.56
CA LEU A 119 0.62 -1.35 4.82
C LEU A 119 0.66 -2.84 4.53
N LEU A 120 -0.39 -3.56 4.94
CA LEU A 120 -0.45 -4.98 4.71
C LEU A 120 -0.50 -5.28 3.22
N LEU A 121 -1.23 -4.46 2.48
CA LEU A 121 -1.29 -4.63 1.03
C LEU A 121 0.05 -4.33 0.37
N ASP A 122 0.78 -3.35 0.89
CA ASP A 122 2.10 -3.05 0.37
C ASP A 122 3.06 -4.21 0.62
N ALA A 123 2.87 -4.86 1.76
CA ALA A 123 3.74 -5.98 2.16
C ALA A 123 3.47 -7.23 1.35
N GLY A 124 2.29 -7.29 0.73
CA GLY A 124 1.90 -8.40 -0.10
C GLY A 124 1.42 -9.59 0.72
N ILE A 125 0.53 -10.37 0.13
CA ILE A 125 0.01 -11.55 0.83
C ILE A 125 0.60 -12.82 0.23
N GLU A 126 1.22 -13.61 1.08
CA GLU A 126 1.81 -14.88 0.71
C GLU A 126 0.93 -16.03 1.24
N GLU A 127 0.48 -16.92 0.35
CA GLU A 127 -0.29 -18.08 0.78
C GLU A 127 0.69 -19.22 1.04
N LEU A 128 0.56 -19.85 2.21
CA LEU A 128 1.50 -20.88 2.64
C LEU A 128 0.93 -22.27 2.41
N ASN A 129 1.76 -23.28 2.57
CA ASN A 129 1.36 -24.65 2.27
C ASN A 129 0.68 -25.39 3.41
N SER A 130 -0.01 -24.67 4.29
CA SER A 130 -0.69 -25.31 5.41
C SER A 130 -2.11 -24.79 5.48
N ALA A 131 -3.02 -25.63 5.93
CA ALA A 131 -4.45 -25.30 5.95
C ALA A 131 -4.77 -24.19 6.95
N LYS A 132 -5.57 -23.23 6.51
CA LYS A 132 -6.04 -22.16 7.40
C LYS A 132 -7.19 -22.70 8.26
N LYS A 133 -7.06 -22.55 9.58
CA LYS A 133 -8.08 -23.03 10.48
C LYS A 133 -8.98 -21.88 10.88
N PHE A 134 -10.29 -22.13 10.83
CA PHE A 134 -11.30 -21.14 11.18
C PHE A 134 -11.98 -21.60 12.44
N LEU A 135 -12.39 -20.65 13.26
CA LEU A 135 -13.15 -21.00 14.46
C LEU A 135 -14.63 -20.91 14.12
N ARG A 136 -15.32 -22.05 14.06
CA ARG A 136 -16.72 -22.09 13.65
CA ARG A 136 -16.72 -22.08 13.66
C ARG A 136 -17.68 -22.29 14.83
N LEU A 137 -18.69 -21.41 14.95
CA LEU A 137 -19.63 -21.50 16.07
C LEU A 137 -20.63 -22.62 15.82
N LYS A 138 -20.85 -23.47 16.83
CA LYS A 138 -21.83 -24.55 16.71
C LYS A 138 -23.07 -24.27 17.58
N GLU A 139 -22.92 -23.40 18.57
CA GLU A 139 -24.04 -23.01 19.43
C GLU A 139 -24.05 -21.49 19.63
N THR A 140 -25.05 -21.00 20.36
CA THR A 140 -25.12 -19.58 20.63
C THR A 140 -24.55 -19.30 22.01
N VAL A 141 -23.67 -18.32 22.10
CA VAL A 141 -23.11 -17.90 23.38
C VAL A 141 -23.36 -16.42 23.53
N ARG A 142 -23.87 -16.02 24.69
CA ARG A 142 -24.20 -14.62 24.95
C ARG A 142 -23.60 -14.17 26.28
N VAL A 143 -23.06 -12.95 26.31
CA VAL A 143 -22.60 -12.34 27.56
C VAL A 143 -23.22 -10.95 27.72
N GLU A 144 -23.29 -10.49 28.96
CA GLU A 144 -23.91 -9.21 29.30
C GLU A 144 -23.09 -8.43 30.33
N ASP A 145 -23.25 -7.11 30.30
CA ASP A 145 -22.72 -6.26 31.35
C ASP A 145 -23.68 -5.10 31.53
N GLY A 146 -24.58 -5.21 32.51
CA GLY A 146 -25.61 -4.20 32.68
C GLY A 146 -26.55 -4.24 31.50
N ASP A 147 -26.66 -3.13 30.79
CA ASP A 147 -27.50 -3.07 29.60
C ASP A 147 -26.77 -3.54 28.34
N LYS A 148 -25.45 -3.68 28.42
CA LYS A 148 -24.63 -4.14 27.29
C LYS A 148 -24.77 -5.63 27.05
N TRP A 149 -24.82 -6.07 25.79
CA TRP A 149 -24.76 -7.50 25.50
C TRP A 149 -24.07 -7.80 24.17
N ALA A 150 -23.57 -9.03 24.06
CA ALA A 150 -22.84 -9.47 22.88
C ALA A 150 -23.04 -10.96 22.68
N GLU A 151 -23.22 -11.39 21.44
CA GLU A 151 -23.54 -12.78 21.18
C GLU A 151 -22.83 -13.27 19.93
N LEU A 152 -22.38 -14.53 19.99
CA LEU A 152 -21.92 -15.24 18.82
C LEU A 152 -22.84 -16.45 18.62
N SER A 153 -23.29 -16.64 17.38
CA SER A 153 -24.16 -17.77 17.04
C SER A 153 -23.76 -18.42 15.71
N PRO A 154 -24.33 -19.59 15.40
CA PRO A 154 -23.94 -20.24 14.13
C PRO A 154 -24.39 -19.46 12.89
N PHE A 155 -23.54 -19.47 11.86
CA PHE A 155 -23.87 -18.87 10.56
C PHE A 155 -22.78 -19.22 9.56
N ASN A 156 -23.17 -19.56 8.34
CA ASN A 156 -22.19 -19.96 7.34
C ASN A 156 -21.56 -18.76 6.64
N GLY A 157 -20.64 -18.11 7.34
CA GLY A 157 -20.01 -16.88 6.89
C GLY A 157 -19.63 -16.08 8.13
N PHE A 158 -19.50 -14.77 8.01
CA PHE A 158 -19.31 -13.94 9.19
C PHE A 158 -20.18 -12.72 9.07
N ARG A 159 -21.26 -12.72 9.85
CA ARG A 159 -22.23 -11.63 9.81
C ARG A 159 -22.06 -10.82 11.09
N LEU A 160 -22.05 -9.50 10.97
CA LEU A 160 -22.00 -8.68 12.18
C LEU A 160 -23.18 -7.71 12.19
N ASP A 161 -23.70 -7.50 13.38
CA ASP A 161 -24.86 -6.63 13.60
C ASP A 161 -24.59 -5.87 14.88
N PHE A 162 -24.31 -4.57 14.78
CA PHE A 162 -23.92 -3.81 15.94
C PHE A 162 -24.90 -2.65 16.15
N THR A 163 -25.31 -2.45 17.38
CA THR A 163 -26.16 -1.30 17.73
C THR A 163 -25.53 -0.47 18.83
N ILE A 164 -25.57 0.85 18.66
CA ILE A 164 -25.12 1.79 19.70
C ILE A 164 -26.32 2.63 20.12
N ASP A 165 -26.20 3.30 21.27
CA ASP A 165 -27.34 4.04 21.83
C ASP A 165 -26.79 5.19 22.68
N PHE A 166 -26.37 6.26 22.03
CA PHE A 166 -25.65 7.33 22.75
C PHE A 166 -26.49 8.47 23.31
N ASN A 167 -27.72 8.62 22.85
CA ASN A 167 -28.54 9.75 23.27
C ASN A 167 -27.77 11.06 23.18
N HIS A 168 -27.09 11.26 22.06
CA HIS A 168 -26.27 12.46 21.88
C HIS A 168 -26.81 13.23 20.68
N PRO A 169 -26.91 14.56 20.80
CA PRO A 169 -27.47 15.34 19.69
C PRO A 169 -26.65 15.14 18.42
N ALA A 170 -25.36 14.86 18.57
CA ALA A 170 -24.46 14.80 17.41
C ALA A 170 -24.57 13.47 16.64
N ILE A 171 -25.25 12.50 17.22
CA ILE A 171 -25.35 11.17 16.63
C ILE A 171 -26.81 10.80 16.43
N ASP A 172 -27.28 11.01 15.21
CA ASP A 172 -28.69 10.80 14.90
C ASP A 172 -29.15 9.38 15.18
N SER A 173 -30.37 9.28 15.70
CA SER A 173 -30.95 7.99 16.07
C SER A 173 -30.99 6.96 14.95
N SER A 174 -31.13 7.43 13.71
CA SER A 174 -31.24 6.50 12.58
C SER A 174 -29.89 5.98 12.07
N THR A 175 -28.81 6.44 12.68
CA THR A 175 -27.47 6.03 12.25
C THR A 175 -26.81 5.09 13.24
N GLN A 176 -27.59 4.51 14.15
CA GLN A 176 -27.00 3.81 15.28
C GLN A 176 -26.97 2.27 15.15
N ARG A 177 -27.26 1.75 13.98
CA ARG A 177 -27.17 0.30 13.73
C ARG A 177 -26.46 0.04 12.39
N TYR A 178 -25.65 -1.01 12.35
CA TYR A 178 -24.99 -1.38 11.11
C TYR A 178 -24.94 -2.88 11.04
N ARG A 179 -25.20 -3.42 9.85
CA ARG A 179 -25.14 -4.85 9.62
C ARG A 179 -24.26 -5.13 8.43
N LEU A 180 -23.42 -6.15 8.56
CA LEU A 180 -22.38 -6.42 7.59
C LEU A 180 -22.21 -7.90 7.34
N ASP A 181 -22.26 -8.28 6.06
CA ASP A 181 -21.75 -9.59 5.64
C ASP A 181 -20.25 -9.44 5.31
N PHE A 182 -19.44 -9.98 6.21
CA PHE A 182 -18.00 -9.76 6.20
C PHE A 182 -17.26 -10.50 5.10
N SER A 183 -16.42 -9.76 4.38
CA SER A 183 -15.45 -10.30 3.41
C SER A 183 -14.30 -9.32 3.43
N ALA A 184 -13.17 -9.67 2.82
CA ALA A 184 -12.10 -8.69 2.78
C ALA A 184 -12.60 -7.47 2.04
N ASP A 185 -13.37 -7.69 0.96
CA ASP A 185 -13.88 -6.57 0.19
C ASP A 185 -14.78 -5.64 1.02
N SER A 186 -15.77 -6.23 1.70
CA SER A 186 -16.73 -5.43 2.46
C SER A 186 -16.08 -4.77 3.68
N PHE A 187 -15.13 -5.46 4.30
CA PHE A 187 -14.41 -4.85 5.42
C PHE A 187 -13.66 -3.61 4.94
N VAL A 188 -12.86 -3.77 3.90
CA VAL A 188 -12.03 -2.66 3.44
C VAL A 188 -12.91 -1.48 3.00
N ARG A 189 -13.95 -1.78 2.23
CA ARG A 189 -14.81 -0.74 1.66
C ARG A 189 -15.70 -0.04 2.69
N GLN A 190 -16.32 -0.81 3.59
CA GLN A 190 -17.34 -0.25 4.48
C GLN A 190 -16.84 0.10 5.87
N ILE A 191 -15.90 -0.68 6.37
CA ILE A 191 -15.52 -0.58 7.79
C ILE A 191 -14.15 0.05 8.04
N SER A 192 -13.17 -0.28 7.21
CA SER A 192 -11.77 -0.01 7.56
C SER A 192 -11.44 1.46 7.78
N ARG A 193 -12.15 2.35 7.09
CA ARG A 193 -11.83 3.77 7.20
CA ARG A 193 -11.86 3.78 7.17
C ARG A 193 -12.56 4.48 8.35
N ALA A 194 -13.37 3.74 9.10
CA ALA A 194 -14.11 4.38 10.20
C ALA A 194 -13.18 4.71 11.37
N ARG A 195 -13.17 5.98 11.76
CA ARG A 195 -12.24 6.43 12.79
C ARG A 195 -12.78 6.27 14.21
N THR A 196 -11.86 6.15 15.15
CA THR A 196 -12.21 6.18 16.56
C THR A 196 -12.79 7.56 16.88
N PHE A 197 -13.47 7.64 18.02
CA PHE A 197 -14.12 8.86 18.46
C PHE A 197 -14.08 8.97 19.97
N GLY A 198 -14.12 10.20 20.47
CA GLY A 198 -14.21 10.41 21.90
C GLY A 198 -15.15 11.57 22.18
N PHE A 199 -15.92 11.45 23.26
CA PHE A 199 -16.73 12.57 23.74
C PHE A 199 -15.92 13.44 24.69
N MET A 200 -16.06 14.76 24.58
CA MET A 200 -15.26 15.66 25.40
C MET A 200 -15.32 15.34 26.88
N ARG A 201 -16.50 14.97 27.38
CA ARG A 201 -16.65 14.64 28.80
C ARG A 201 -15.68 13.53 29.17
N ASP A 202 -15.59 12.54 28.29
CA ASP A 202 -14.75 11.37 28.50
C ASP A 202 -13.28 11.72 28.28
N ILE A 203 -13.03 12.49 27.24
CA ILE A 203 -11.67 12.94 26.94
C ILE A 203 -11.10 13.71 28.14
N GLU A 204 -11.92 14.56 28.76
CA GLU A 204 -11.41 15.35 29.88
C GLU A 204 -11.09 14.45 31.05
N TYR A 205 -12.00 13.51 31.31
CA TYR A 205 -11.83 12.52 32.37
C TYR A 205 -10.53 11.76 32.20
N LEU A 206 -10.24 11.33 30.97
CA LEU A 206 -9.07 10.51 30.71
C LEU A 206 -7.79 11.33 30.70
N GLN A 207 -7.88 12.54 30.16
CA GLN A 207 -6.76 13.47 30.19
C GLN A 207 -6.37 13.73 31.66
N SER A 208 -7.37 13.89 32.52
CA SER A 208 -7.16 14.15 33.94
CA SER A 208 -7.12 14.18 33.93
C SER A 208 -6.34 13.05 34.59
N ARG A 209 -6.38 11.87 33.97
CA ARG A 209 -5.75 10.67 34.49
C ARG A 209 -4.47 10.33 33.73
N GLY A 210 -4.01 11.29 32.93
CA GLY A 210 -2.77 11.14 32.19
C GLY A 210 -2.90 10.27 30.94
N LEU A 211 -4.12 10.16 30.41
CA LEU A 211 -4.36 9.38 29.20
C LEU A 211 -4.67 10.30 28.00
N CYS A 212 -4.90 9.73 26.82
CA CYS A 212 -5.18 10.53 25.63
C CYS A 212 -4.05 11.49 25.26
N LEU A 213 -2.82 11.15 25.61
CA LEU A 213 -1.71 12.07 25.42
C LEU A 213 -1.41 12.31 23.96
N GLY A 214 -1.72 11.33 23.11
CA GLY A 214 -1.51 11.46 21.68
C GLY A 214 -2.78 11.79 20.92
N GLY A 215 -3.85 12.14 21.64
CA GLY A 215 -5.11 12.47 21.00
C GLY A 215 -5.03 13.76 20.20
N SER A 216 -5.68 13.77 19.03
CA SER A 216 -5.69 14.99 18.21
C SER A 216 -6.83 14.91 17.19
N PHE A 217 -7.17 16.05 16.58
CA PHE A 217 -8.20 16.05 15.54
C PHE A 217 -7.78 15.19 14.34
N ASP A 218 -6.49 14.96 14.20
CA ASP A 218 -5.95 14.20 13.07
C ASP A 218 -6.13 12.69 13.26
N CYS A 219 -6.47 12.27 14.47
CA CYS A 219 -6.55 10.83 14.75
C CYS A 219 -7.89 10.41 15.36
N ALA A 220 -8.81 11.34 15.54
CA ALA A 220 -10.06 11.01 16.21
C ALA A 220 -11.17 11.99 15.87
N ILE A 221 -12.38 11.45 15.80
CA ILE A 221 -13.58 12.28 15.81
C ILE A 221 -13.79 12.76 17.24
N VAL A 222 -13.86 14.08 17.41
CA VAL A 222 -14.04 14.68 18.72
C VAL A 222 -15.47 15.22 18.80
N VAL A 223 -16.24 14.72 19.77
CA VAL A 223 -17.61 15.15 19.93
C VAL A 223 -17.77 15.91 21.24
N ASP A 224 -18.17 17.18 21.15
CA ASP A 224 -18.42 17.96 22.35
C ASP A 224 -19.85 17.72 22.80
N ASP A 225 -20.33 18.52 23.75
CA ASP A 225 -21.71 18.34 24.21
C ASP A 225 -22.74 18.37 23.08
N TYR A 226 -22.49 19.16 22.04
CA TYR A 226 -23.54 19.48 21.07
C TYR A 226 -23.28 19.06 19.63
N ARG A 227 -22.04 18.72 19.32
CA ARG A 227 -21.68 18.49 17.93
C ARG A 227 -20.28 17.93 17.79
N VAL A 228 -20.03 17.31 16.65
CA VAL A 228 -18.69 16.94 16.23
C VAL A 228 -17.92 18.21 16.02
N LEU A 229 -16.72 18.28 16.57
CA LEU A 229 -15.89 19.48 16.39
C LEU A 229 -14.98 19.44 15.17
N ASN A 230 -14.76 18.25 14.62
CA ASN A 230 -13.90 18.15 13.45
C ASN A 230 -14.45 18.97 12.28
N GLU A 231 -13.62 19.87 11.75
CA GLU A 231 -14.04 20.77 10.68
C GLU A 231 -14.80 20.06 9.56
N ASP A 232 -14.17 19.06 8.95
CA ASP A 232 -14.72 18.43 7.76
C ASP A 232 -15.69 17.26 8.02
N GLY A 233 -16.19 17.16 9.24
CA GLY A 233 -17.23 16.20 9.55
C GLY A 233 -16.79 14.74 9.50
N LEU A 234 -17.67 13.88 8.99
CA LEU A 234 -17.47 12.44 9.06
C LEU A 234 -17.13 11.83 7.72
N ARG A 235 -16.61 10.61 7.74
CA ARG A 235 -16.29 9.91 6.49
C ARG A 235 -17.52 9.15 6.04
N PHE A 236 -18.38 8.81 7.00
CA PHE A 236 -19.65 8.14 6.76
C PHE A 236 -20.68 8.74 7.69
N GLU A 237 -21.93 8.80 7.24
CA GLU A 237 -22.99 9.37 8.08
C GLU A 237 -23.09 8.60 9.39
N ASP A 238 -22.79 7.30 9.30
CA ASP A 238 -22.87 6.41 10.45
C ASP A 238 -21.50 5.91 10.84
N GLU A 239 -20.53 6.81 10.86
CA GLU A 239 -19.15 6.44 11.13
C GLU A 239 -18.98 5.85 12.53
N PHE A 240 -19.72 6.38 13.50
CA PHE A 240 -19.61 5.88 14.88
C PHE A 240 -19.90 4.39 15.01
N VAL A 241 -21.05 3.93 14.48
CA VAL A 241 -21.40 2.53 14.64
C VAL A 241 -20.45 1.63 13.82
N ARG A 242 -19.99 2.14 12.68
CA ARG A 242 -19.02 1.41 11.89
C ARG A 242 -17.74 1.21 12.66
N HIS A 243 -17.30 2.23 13.39
CA HIS A 243 -16.08 2.05 14.16
C HIS A 243 -16.23 1.06 15.31
N LYS A 244 -17.39 1.06 15.96
CA LYS A 244 -17.64 0.08 17.01
C LYS A 244 -17.56 -1.34 16.43
N MET A 245 -18.05 -1.51 15.21
CA MET A 245 -17.93 -2.80 14.53
C MET A 245 -16.47 -3.15 14.23
N LEU A 246 -15.71 -2.16 13.80
CA LEU A 246 -14.28 -2.35 13.56
C LEU A 246 -13.61 -2.87 14.84
N ASP A 247 -13.91 -2.22 15.96
CA ASP A 247 -13.35 -2.61 17.26
C ASP A 247 -13.70 -4.06 17.55
N ALA A 248 -14.96 -4.44 17.34
CA ALA A 248 -15.38 -5.80 17.62
C ALA A 248 -14.63 -6.81 16.75
N ILE A 249 -14.42 -6.45 15.49
CA ILE A 249 -13.69 -7.35 14.60
C ILE A 249 -12.27 -7.58 15.12
N GLY A 250 -11.61 -6.48 15.49
CA GLY A 250 -10.25 -6.54 16.03
C GLY A 250 -10.18 -7.25 17.38
N ASP A 251 -11.16 -7.00 18.24
CA ASP A 251 -11.20 -7.63 19.57
C ASP A 251 -11.39 -9.14 19.45
N LEU A 252 -12.31 -9.56 18.58
CA LEU A 252 -12.57 -10.98 18.41
C LEU A 252 -11.37 -11.70 17.81
N PHE A 253 -10.54 -10.96 17.08
CA PHE A 253 -9.38 -11.57 16.44
C PHE A 253 -8.23 -11.83 17.43
N MET A 254 -8.45 -11.49 18.70
CA MET A 254 -7.45 -11.81 19.72
C MET A 254 -7.26 -13.31 19.90
N CYS A 255 -8.18 -14.11 19.38
CA CYS A 255 -7.99 -15.57 19.34
C CYS A 255 -7.08 -15.99 18.18
N GLY A 256 -6.79 -15.05 17.29
CA GLY A 256 -5.89 -15.30 16.17
C GLY A 256 -6.47 -16.14 15.03
N HIS A 257 -7.77 -16.40 15.06
CA HIS A 257 -8.44 -17.07 13.93
C HIS A 257 -9.64 -16.28 13.42
N ASN A 258 -9.91 -16.39 12.13
CA ASN A 258 -11.14 -15.84 11.60
C ASN A 258 -12.27 -16.73 12.07
N ILE A 259 -13.38 -16.10 12.44
CA ILE A 259 -14.57 -16.78 12.93
C ILE A 259 -15.62 -17.00 11.85
N ILE A 260 -16.28 -18.15 11.93
CA ILE A 260 -17.43 -18.43 11.07
C ILE A 260 -18.65 -18.46 11.99
N GLY A 261 -19.47 -17.42 11.91
CA GLY A 261 -20.63 -17.31 12.75
C GLY A 261 -21.24 -15.94 12.61
N ALA A 262 -22.14 -15.60 13.52
CA ALA A 262 -22.78 -14.29 13.45
C ALA A 262 -22.51 -13.62 14.78
N PHE A 263 -22.02 -12.39 14.73
CA PHE A 263 -21.79 -11.59 15.94
C PHE A 263 -22.86 -10.52 16.02
N THR A 264 -23.60 -10.49 17.13
CA THR A 264 -24.66 -9.50 17.33
C THR A 264 -24.45 -8.85 18.68
N ALA A 265 -24.53 -7.52 18.73
CA ALA A 265 -24.13 -6.81 19.94
C ALA A 265 -24.83 -5.46 20.08
N TYR A 266 -24.99 -5.06 21.34
CA TYR A 266 -25.57 -3.78 21.72
C TYR A 266 -24.67 -3.11 22.77
N LYS A 267 -24.04 -1.98 22.40
CA LYS A 267 -23.15 -1.24 23.30
C LYS A 267 -21.95 -2.05 23.82
N SER A 268 -21.54 -3.07 23.10
CA SER A 268 -20.39 -3.87 23.51
C SER A 268 -19.05 -3.15 23.24
N GLY A 269 -18.19 -3.08 24.26
CA GLY A 269 -16.86 -2.48 24.11
C GLY A 269 -15.77 -3.52 24.27
N HIS A 270 -14.54 -3.08 24.53
CA HIS A 270 -13.42 -4.03 24.55
C HIS A 270 -13.55 -5.12 25.60
N ALA A 271 -13.98 -4.74 26.81
CA ALA A 271 -14.10 -5.71 27.89
C ALA A 271 -15.14 -6.79 27.60
N LEU A 272 -16.32 -6.37 27.16
CA LEU A 272 -17.39 -7.33 26.90
C LEU A 272 -17.09 -8.20 25.66
N ASN A 273 -16.47 -7.61 24.64
CA ASN A 273 -16.02 -8.41 23.48
C ASN A 273 -15.05 -9.50 23.91
N ASN A 274 -14.11 -9.13 24.77
CA ASN A 274 -13.17 -10.11 25.28
C ASN A 274 -13.87 -11.14 26.18
N LYS A 275 -14.83 -10.69 26.97
CA LYS A 275 -15.61 -11.60 27.81
C LYS A 275 -16.32 -12.64 26.95
N LEU A 276 -16.93 -12.17 25.86
CA LEU A 276 -17.61 -13.07 24.91
C LEU A 276 -16.64 -14.08 24.33
N LEU A 277 -15.49 -13.60 23.84
CA LEU A 277 -14.52 -14.49 23.24
C LEU A 277 -14.13 -15.62 24.19
N GLN A 278 -13.81 -15.27 25.43
CA GLN A 278 -13.41 -16.26 26.43
C GLN A 278 -14.56 -17.21 26.79
N ALA A 279 -15.78 -16.69 26.82
CA ALA A 279 -16.95 -17.49 27.12
C ALA A 279 -17.18 -18.53 26.03
N VAL A 280 -16.96 -18.12 24.78
CA VAL A 280 -17.05 -19.05 23.67
C VAL A 280 -15.97 -20.09 23.81
N LEU A 281 -14.72 -19.66 23.93
CA LEU A 281 -13.62 -20.61 23.98
C LEU A 281 -13.76 -21.63 25.10
N ALA A 282 -14.29 -21.18 26.25
CA ALA A 282 -14.47 -22.03 27.43
C ALA A 282 -15.59 -23.08 27.32
N LYS A 283 -16.53 -22.88 26.40
CA LYS A 283 -17.57 -23.88 26.16
C LYS A 283 -17.19 -24.71 24.95
N GLN A 284 -16.50 -25.82 25.18
CA GLN A 284 -15.97 -26.63 24.10
C GLN A 284 -17.06 -27.02 23.10
N GLU A 285 -18.26 -27.26 23.61
CA GLU A 285 -19.37 -27.72 22.78
C GLU A 285 -19.90 -26.65 21.81
N ALA A 286 -19.54 -25.39 22.03
CA ALA A 286 -20.08 -24.30 21.24
C ALA A 286 -19.29 -23.99 19.97
N TRP A 287 -18.13 -24.62 19.80
CA TRP A 287 -17.30 -24.28 18.64
C TRP A 287 -16.44 -25.44 18.19
N GLU A 288 -15.83 -25.25 17.03
CA GLU A 288 -14.87 -26.20 16.49
C GLU A 288 -13.96 -25.49 15.50
N PHE A 289 -12.75 -26.01 15.34
CA PHE A 289 -11.87 -25.56 14.26
C PHE A 289 -12.22 -26.33 13.00
N VAL A 290 -12.30 -25.64 11.86
CA VAL A 290 -12.59 -26.28 10.59
C VAL A 290 -11.64 -25.78 9.52
N THR A 291 -11.42 -26.60 8.48
CA THR A 291 -10.63 -26.19 7.33
C THR A 291 -11.45 -26.47 6.07
N PHE A 292 -10.99 -25.95 4.93
CA PHE A 292 -11.72 -26.11 3.66
C PHE A 292 -10.83 -26.52 2.49
N GLN A 293 -11.47 -27.04 1.45
CA GLN A 293 -10.72 -27.48 0.27
C GLN A 293 -11.25 -26.84 -1.03
N ASP A 294 -12.56 -26.68 -1.11
CA ASP A 294 -13.16 -26.12 -2.31
C ASP A 294 -13.25 -24.60 -2.19
N GLU A 295 -12.35 -23.91 -2.90
CA GLU A 295 -12.32 -22.46 -2.89
C GLU A 295 -13.64 -21.83 -3.31
N ALA A 296 -14.38 -22.51 -4.18
CA ALA A 296 -15.55 -21.93 -4.78
C ALA A 296 -16.71 -21.81 -3.81
N GLU A 297 -16.62 -22.53 -2.70
CA GLU A 297 -17.71 -22.51 -1.73
C GLU A 297 -17.24 -22.12 -0.33
N MET A 298 -16.00 -21.66 -0.21
CA MET A 298 -15.52 -21.28 1.12
C MET A 298 -16.38 -20.15 1.70
N PRO A 299 -16.71 -20.25 3.00
CA PRO A 299 -17.62 -19.33 3.69
C PRO A 299 -17.12 -17.88 3.72
N LEU A 300 -15.80 -17.70 3.82
CA LEU A 300 -15.22 -16.37 3.94
C LEU A 300 -14.31 -16.10 2.75
N ALA A 301 -14.47 -14.92 2.18
CA ALA A 301 -13.73 -14.49 0.99
C ALA A 301 -12.68 -13.44 1.36
N PHE A 302 -11.43 -13.70 1.04
CA PHE A 302 -10.35 -12.78 1.45
C PHE A 302 -9.61 -12.12 0.30
N LYS A 303 -10.01 -12.45 -0.93
CA LYS A 303 -9.35 -11.98 -2.17
C LYS A 303 -8.33 -12.99 -2.73
N MET B 6 21.00 -19.02 -23.16
CA MET B 6 20.54 -17.80 -23.81
C MET B 6 19.79 -16.90 -22.83
N ILE B 7 20.08 -15.60 -22.85
CA ILE B 7 19.31 -14.65 -22.09
C ILE B 7 17.96 -14.42 -22.78
N LYS B 8 16.89 -14.76 -22.10
CA LYS B 8 15.57 -14.85 -22.73
C LYS B 8 14.67 -13.64 -22.52
N GLN B 9 13.83 -13.34 -23.51
CA GLN B 9 12.76 -12.34 -23.33
C GLN B 9 11.89 -12.64 -22.10
N ARG B 10 11.23 -11.62 -21.56
CA ARG B 10 10.50 -11.74 -20.30
C ARG B 10 9.05 -11.27 -20.42
N THR B 11 8.13 -11.99 -19.78
CA THR B 11 6.75 -11.55 -19.63
C THR B 11 6.23 -11.97 -18.25
N LEU B 12 4.92 -11.94 -18.02
CA LEU B 12 4.35 -12.39 -16.75
C LEU B 12 3.92 -13.86 -16.76
N LYS B 13 3.94 -14.50 -15.59
CA LYS B 13 3.48 -15.88 -15.46
C LYS B 13 1.95 -15.95 -15.34
N ARG B 14 1.34 -14.83 -14.96
CA ARG B 14 -0.10 -14.80 -14.74
CA ARG B 14 -0.10 -14.80 -14.73
C ARG B 14 -0.66 -13.38 -14.79
N ILE B 15 -1.98 -13.27 -14.94
CA ILE B 15 -2.64 -11.97 -14.99
C ILE B 15 -2.71 -11.37 -13.60
N VAL B 16 -2.45 -10.06 -13.52
CA VAL B 16 -2.60 -9.35 -12.25
C VAL B 16 -3.32 -8.01 -12.43
N GLN B 17 -3.91 -7.53 -11.35
CA GLN B 17 -4.79 -6.38 -11.40
C GLN B 17 -4.65 -5.54 -10.15
N ALA B 18 -4.86 -4.23 -10.30
CA ALA B 18 -4.78 -3.29 -9.20
C ALA B 18 -5.62 -2.08 -9.56
N THR B 19 -6.09 -1.35 -8.56
CA THR B 19 -6.84 -0.14 -8.82
C THR B 19 -6.28 1.03 -8.04
N GLY B 20 -6.49 2.23 -8.55
CA GLY B 20 -6.03 3.45 -7.91
C GLY B 20 -6.71 4.64 -8.58
N VAL B 21 -6.10 5.81 -8.47
CA VAL B 21 -6.65 7.03 -9.06
C VAL B 21 -5.59 7.73 -9.91
N GLY B 22 -6.00 8.32 -11.02
CA GLY B 22 -5.08 9.07 -11.85
C GLY B 22 -4.65 10.37 -11.18
N LEU B 23 -3.35 10.63 -11.18
CA LEU B 23 -2.81 11.84 -10.57
C LEU B 23 -3.46 13.12 -11.12
N HIS B 24 -3.52 13.23 -12.44
CA HIS B 24 -4.03 14.45 -13.04
C HIS B 24 -5.53 14.44 -13.35
N THR B 25 -6.05 13.28 -13.75
CA THR B 25 -7.48 13.14 -14.07
C THR B 25 -8.32 12.98 -12.82
N GLY B 26 -7.71 12.48 -11.75
CA GLY B 26 -8.44 12.14 -10.54
C GLY B 26 -9.45 11.04 -10.78
N LYS B 27 -9.37 10.39 -11.93
CA LYS B 27 -10.31 9.32 -12.25
C LYS B 27 -9.88 8.01 -11.61
N LYS B 28 -10.85 7.27 -11.08
CA LYS B 28 -10.63 5.93 -10.57
C LYS B 28 -10.24 5.05 -11.75
N VAL B 29 -9.25 4.19 -11.55
CA VAL B 29 -8.80 3.39 -12.68
C VAL B 29 -8.37 1.99 -12.24
N THR B 30 -8.69 1.03 -13.08
CA THR B 30 -8.29 -0.35 -12.88
C THR B 30 -7.26 -0.73 -13.92
N LEU B 31 -6.14 -1.25 -13.45
CA LEU B 31 -5.03 -1.62 -14.29
C LEU B 31 -4.96 -3.13 -14.28
N THR B 32 -4.97 -3.73 -15.46
CA THR B 32 -4.85 -5.17 -15.59
C THR B 32 -3.68 -5.50 -16.51
N MET B 33 -2.76 -6.32 -16.03
CA MET B 33 -1.59 -6.66 -16.80
C MET B 33 -1.59 -8.15 -17.15
N ARG B 34 -1.45 -8.46 -18.44
CA ARG B 34 -1.50 -9.85 -18.91
C ARG B 34 -0.20 -10.31 -19.58
N PRO B 35 0.09 -11.61 -19.52
CA PRO B 35 1.20 -12.21 -20.26
C PRO B 35 1.08 -11.92 -21.75
N ALA B 36 2.22 -11.90 -22.45
CA ALA B 36 2.23 -11.75 -23.90
C ALA B 36 3.38 -12.54 -24.50
N PRO B 37 3.21 -12.97 -25.76
CA PRO B 37 4.22 -13.81 -26.40
C PRO B 37 5.46 -13.02 -26.78
N ALA B 38 6.54 -13.75 -27.01
CA ALA B 38 7.80 -13.14 -27.41
C ALA B 38 7.59 -12.21 -28.59
N ASN B 39 8.37 -11.12 -28.60
CA ASN B 39 8.34 -10.13 -29.67
C ASN B 39 7.01 -9.37 -29.80
N THR B 40 6.13 -9.54 -28.82
CA THR B 40 4.89 -8.76 -28.76
C THR B 40 5.16 -7.30 -28.45
N GLY B 41 6.04 -7.04 -27.49
CA GLY B 41 6.33 -5.70 -27.04
C GLY B 41 5.47 -5.28 -25.86
N VAL B 42 5.61 -4.02 -25.46
CA VAL B 42 4.85 -3.46 -24.35
C VAL B 42 3.69 -2.68 -24.91
N ILE B 43 2.47 -3.10 -24.61
CA ILE B 43 1.31 -2.41 -25.17
C ILE B 43 0.35 -1.91 -24.11
N TYR B 44 0.16 -0.61 -24.07
CA TYR B 44 -0.85 -0.01 -23.20
C TYR B 44 -2.18 -0.01 -23.95
N ARG B 45 -3.26 -0.24 -23.24
CA ARG B 45 -4.57 -0.37 -23.89
C ARG B 45 -5.67 0.26 -23.06
N ARG B 46 -6.41 1.19 -23.67
CA ARG B 46 -7.60 1.74 -23.04
C ARG B 46 -8.77 0.82 -23.33
N THR B 47 -9.25 0.13 -22.30
CA THR B 47 -10.33 -0.83 -22.46
C THR B 47 -11.68 -0.25 -22.08
N ASP B 48 -11.72 1.05 -21.80
CA ASP B 48 -12.99 1.70 -21.49
C ASP B 48 -13.66 2.14 -22.78
N LEU B 49 -12.93 2.03 -23.88
CA LEU B 49 -13.39 2.52 -25.16
C LEU B 49 -13.86 1.40 -26.08
N ASN B 50 -14.77 1.73 -26.98
CA ASN B 50 -15.29 0.79 -27.98
C ASN B 50 -14.92 1.18 -29.40
N PRO B 51 -14.04 0.38 -30.04
CA PRO B 51 -13.40 -0.77 -29.39
C PRO B 51 -12.18 -0.28 -28.62
N PRO B 52 -11.51 -1.17 -27.88
CA PRO B 52 -10.34 -0.73 -27.11
C PRO B 52 -9.29 -0.11 -28.01
N VAL B 53 -8.54 0.84 -27.47
CA VAL B 53 -7.50 1.52 -28.23
C VAL B 53 -6.13 1.12 -27.70
N ASP B 54 -5.21 0.79 -28.61
CA ASP B 54 -3.90 0.28 -28.22
C ASP B 54 -2.84 1.34 -28.36
N PHE B 55 -1.88 1.34 -27.44
CA PHE B 55 -0.74 2.27 -27.45
C PHE B 55 0.57 1.50 -27.27
N PRO B 56 1.23 1.16 -28.37
CA PRO B 56 2.50 0.43 -28.28
C PRO B 56 3.59 1.29 -27.68
N ALA B 57 4.60 0.66 -27.08
CA ALA B 57 5.76 1.38 -26.59
C ALA B 57 6.52 1.96 -27.77
N ASP B 58 6.20 3.20 -28.14
CA ASP B 58 6.91 3.87 -29.23
C ASP B 58 7.32 5.27 -28.82
N ALA B 59 8.61 5.55 -28.92
CA ALA B 59 9.16 6.85 -28.55
C ALA B 59 8.49 8.00 -29.30
N LYS B 60 7.99 7.71 -30.50
CA LYS B 60 7.40 8.74 -31.35
C LYS B 60 5.97 9.09 -30.94
N SER B 61 5.39 8.31 -30.02
CA SER B 61 3.99 8.53 -29.65
C SER B 61 3.82 9.31 -28.36
N VAL B 62 4.91 9.82 -27.81
CA VAL B 62 4.86 10.56 -26.55
C VAL B 62 4.35 11.99 -26.74
N ARG B 63 3.33 12.37 -25.98
CA ARG B 63 2.72 13.69 -26.11
C ARG B 63 3.72 14.81 -25.84
N ASP B 64 3.59 15.92 -26.57
CA ASP B 64 4.47 17.05 -26.42
C ASP B 64 4.11 17.90 -25.20
N THR B 65 4.65 17.54 -24.04
CA THR B 65 4.40 18.27 -22.81
C THR B 65 5.41 17.82 -21.77
N MET B 66 5.73 18.70 -20.81
CA MET B 66 6.69 18.36 -19.77
C MET B 66 6.01 17.77 -18.54
N LEU B 67 4.68 17.81 -18.50
CA LEU B 67 3.95 17.43 -17.30
C LEU B 67 4.25 15.98 -16.88
N CYS B 68 4.14 15.08 -17.85
CA CYS B 68 4.31 13.64 -17.62
C CYS B 68 4.59 13.00 -18.96
N THR B 69 4.81 11.69 -18.95
CA THR B 69 4.93 10.96 -20.22
C THR B 69 3.56 10.41 -20.59
N CYS B 70 3.01 10.95 -21.67
CA CYS B 70 1.64 10.67 -22.08
C CYS B 70 1.68 10.05 -23.46
N LEU B 71 0.97 8.94 -23.62
CA LEU B 71 0.91 8.30 -24.93
C LEU B 71 -0.32 8.82 -25.64
N VAL B 72 -0.19 9.07 -26.94
CA VAL B 72 -1.32 9.58 -27.70
C VAL B 72 -1.29 9.04 -29.13
N ASN B 73 -2.46 8.81 -29.70
CA ASN B 73 -2.57 8.38 -31.09
C ASN B 73 -3.00 9.54 -31.99
N GLU B 74 -3.00 9.31 -33.30
CA GLU B 74 -3.34 10.38 -34.24
C GLU B 74 -4.72 10.97 -33.99
N HIS B 75 -5.62 10.17 -33.41
CA HIS B 75 -6.98 10.61 -33.12
C HIS B 75 -7.05 11.33 -31.78
N ASP B 76 -5.88 11.57 -31.18
CA ASP B 76 -5.77 12.34 -29.95
C ASP B 76 -6.37 11.68 -28.70
N VAL B 77 -6.49 10.37 -28.69
CA VAL B 77 -6.83 9.68 -27.45
C VAL B 77 -5.54 9.49 -26.67
N ARG B 78 -5.63 9.49 -25.34
CA ARG B 78 -4.44 9.46 -24.51
C ARG B 78 -4.44 8.37 -23.44
N ILE B 79 -3.24 7.94 -23.07
CA ILE B 79 -3.03 7.26 -21.79
C ILE B 79 -1.93 8.04 -21.12
N SER B 80 -2.28 8.78 -20.08
CA SER B 80 -1.33 9.65 -19.40
C SER B 80 -0.55 8.97 -18.27
N THR B 81 0.64 9.51 -18.00
CA THR B 81 1.41 9.16 -16.80
C THR B 81 1.88 7.71 -16.77
N VAL B 82 2.56 7.29 -17.83
CA VAL B 82 3.05 5.91 -17.90
C VAL B 82 4.48 5.75 -17.34
N GLU B 83 5.10 6.85 -16.93
CA GLU B 83 6.54 6.81 -16.62
C GLU B 83 6.93 5.92 -15.43
N HIS B 84 6.10 5.84 -14.41
CA HIS B 84 6.50 5.10 -13.22
C HIS B 84 6.30 3.60 -13.45
N LEU B 85 5.17 3.23 -14.04
CA LEU B 85 5.00 1.82 -14.42
C LEU B 85 6.08 1.41 -15.41
N ASN B 86 6.38 2.27 -16.38
CA ASN B 86 7.42 1.98 -17.36
C ASN B 86 8.75 1.73 -16.71
N ALA B 87 9.05 2.50 -15.66
CA ALA B 87 10.32 2.33 -14.95
C ALA B 87 10.36 0.95 -14.31
N ALA B 88 9.24 0.51 -13.77
CA ALA B 88 9.18 -0.80 -13.13
C ALA B 88 9.43 -1.91 -14.18
N LEU B 89 8.77 -1.77 -15.33
CA LEU B 89 8.99 -2.72 -16.42
C LEU B 89 10.46 -2.77 -16.82
N ALA B 90 11.08 -1.59 -16.95
CA ALA B 90 12.49 -1.54 -17.35
C ALA B 90 13.38 -2.17 -16.30
N GLY B 91 13.09 -1.85 -15.04
CA GLY B 91 13.84 -2.36 -13.91
C GLY B 91 13.87 -3.89 -13.85
N LEU B 92 12.76 -4.53 -14.19
CA LEU B 92 12.65 -5.99 -14.18
C LEU B 92 12.87 -6.64 -15.54
N GLY B 93 13.17 -5.81 -16.55
CA GLY B 93 13.52 -6.29 -17.86
C GLY B 93 12.35 -6.95 -18.57
N ILE B 94 11.14 -6.44 -18.33
CA ILE B 94 9.93 -7.01 -18.95
C ILE B 94 9.82 -6.55 -20.40
N ASP B 95 9.91 -7.52 -21.31
CA ASP B 95 9.89 -7.31 -22.76
C ASP B 95 8.49 -7.31 -23.35
N ASN B 96 7.63 -8.16 -22.83
CA ASN B 96 6.33 -8.38 -23.45
C ASN B 96 5.23 -8.44 -22.43
N ILE B 97 4.23 -7.57 -22.60
CA ILE B 97 3.15 -7.48 -21.63
C ILE B 97 2.04 -6.63 -22.18
N ILE B 98 0.81 -6.99 -21.84
CA ILE B 98 -0.33 -6.12 -22.13
C ILE B 98 -0.76 -5.38 -20.88
N ILE B 99 -0.79 -4.05 -20.94
CA ILE B 99 -1.21 -3.21 -19.82
C ILE B 99 -2.55 -2.54 -20.10
N GLU B 100 -3.60 -2.99 -19.41
CA GLU B 100 -4.94 -2.47 -19.66
C GLU B 100 -5.32 -1.44 -18.61
N VAL B 101 -5.90 -0.34 -19.06
CA VAL B 101 -6.49 0.64 -18.15
C VAL B 101 -7.83 1.09 -18.71
N ASN B 102 -8.81 1.23 -17.82
CA ASN B 102 -10.14 1.63 -18.22
C ASN B 102 -10.40 3.10 -17.92
N ALA B 103 -9.38 3.91 -18.13
CA ALA B 103 -9.41 5.36 -17.90
C ALA B 103 -8.18 5.93 -18.61
N PRO B 104 -8.15 7.26 -18.87
CA PRO B 104 -7.07 7.81 -19.70
C PRO B 104 -5.77 8.04 -18.93
N GLU B 105 -5.57 7.35 -17.82
CA GLU B 105 -4.34 7.54 -17.04
C GLU B 105 -4.00 6.31 -16.21
N VAL B 106 -2.71 6.00 -16.10
CA VAL B 106 -2.23 4.96 -15.19
C VAL B 106 -2.41 5.44 -13.73
N PRO B 107 -2.83 4.55 -12.81
CA PRO B 107 -3.01 5.00 -11.43
C PRO B 107 -1.69 5.45 -10.82
N ILE B 108 -1.72 6.50 -9.98
CA ILE B 108 -0.50 7.05 -9.39
C ILE B 108 0.02 6.18 -8.22
N MET B 109 -0.87 5.43 -7.60
CA MET B 109 -0.51 4.61 -6.44
C MET B 109 0.17 5.50 -5.39
N ASP B 110 1.34 5.10 -4.88
CA ASP B 110 2.02 5.90 -3.85
C ASP B 110 2.98 6.95 -4.43
N GLY B 111 2.93 7.13 -5.75
CA GLY B 111 3.78 8.12 -6.42
C GLY B 111 5.10 7.58 -6.89
N SER B 112 5.40 6.33 -6.54
CA SER B 112 6.68 5.72 -6.90
C SER B 112 6.47 4.58 -7.91
N ALA B 113 7.52 3.82 -8.17
CA ALA B 113 7.44 2.64 -9.03
C ALA B 113 7.25 1.36 -8.23
N SER B 114 7.44 1.44 -6.91
CA SER B 114 7.45 0.25 -6.05
C SER B 114 6.18 -0.60 -6.14
N PRO B 115 5.00 0.05 -6.07
CA PRO B 115 3.77 -0.77 -6.16
C PRO B 115 3.70 -1.60 -7.43
N PHE B 116 4.20 -1.06 -8.54
CA PHE B 116 4.21 -1.80 -9.81
C PHE B 116 5.26 -2.91 -9.81
N VAL B 117 6.44 -2.62 -9.25
CA VAL B 117 7.45 -3.67 -9.10
C VAL B 117 6.83 -4.88 -8.39
N TYR B 118 6.13 -4.64 -7.28
CA TYR B 118 5.60 -5.74 -6.49
C TYR B 118 4.47 -6.49 -7.20
N LEU B 119 3.62 -5.74 -7.91
CA LEU B 119 2.55 -6.35 -8.68
C LEU B 119 3.13 -7.32 -9.70
N LEU B 120 4.17 -6.85 -10.40
CA LEU B 120 4.85 -7.65 -11.41
C LEU B 120 5.56 -8.87 -10.80
N LEU B 121 6.26 -8.68 -9.69
CA LEU B 121 6.93 -9.80 -9.06
C LEU B 121 5.96 -10.79 -8.46
N ASP B 122 4.82 -10.30 -7.96
CA ASP B 122 3.79 -11.18 -7.43
C ASP B 122 3.20 -12.00 -8.57
N ALA B 123 3.09 -11.41 -9.76
CA ALA B 123 2.65 -12.14 -10.94
C ALA B 123 3.65 -13.24 -11.29
N GLY B 124 4.93 -12.90 -11.19
CA GLY B 124 5.97 -13.84 -11.54
C GLY B 124 6.49 -13.50 -12.91
N ILE B 125 7.79 -13.64 -13.10
CA ILE B 125 8.41 -13.35 -14.38
C ILE B 125 8.62 -14.63 -15.16
N GLU B 126 8.13 -14.64 -16.39
CA GLU B 126 8.18 -15.81 -17.24
C GLU B 126 9.22 -15.61 -18.32
N GLU B 127 10.16 -16.54 -18.44
CA GLU B 127 11.12 -16.44 -19.52
C GLU B 127 10.57 -17.11 -20.77
N LEU B 128 10.76 -16.47 -21.92
CA LEU B 128 10.26 -16.95 -23.19
C LEU B 128 11.42 -17.52 -23.99
N ASN B 129 11.12 -18.47 -24.88
CA ASN B 129 12.17 -19.14 -25.66
C ASN B 129 12.63 -18.36 -26.88
N SER B 130 12.89 -17.07 -26.70
CA SER B 130 13.44 -16.24 -27.76
C SER B 130 14.34 -15.15 -27.15
N ALA B 131 15.38 -14.76 -27.88
CA ALA B 131 16.43 -13.91 -27.31
C ALA B 131 15.97 -12.48 -26.99
N LYS B 132 16.30 -12.01 -25.78
CA LYS B 132 16.06 -10.62 -25.42
C LYS B 132 17.02 -9.71 -26.17
N LYS B 133 16.48 -8.70 -26.84
CA LYS B 133 17.29 -7.73 -27.59
C LYS B 133 17.55 -6.45 -26.80
N PHE B 134 18.84 -6.10 -26.64
CA PHE B 134 19.28 -4.93 -25.89
C PHE B 134 19.71 -3.82 -26.83
N LEU B 135 19.37 -2.59 -26.51
CA LEU B 135 19.87 -1.45 -27.29
C LEU B 135 21.23 -0.99 -26.77
N ARG B 136 22.29 -1.29 -27.51
CA ARG B 136 23.64 -0.94 -27.07
C ARG B 136 24.18 0.32 -27.72
N LEU B 137 24.62 1.26 -26.89
CA LEU B 137 25.18 2.50 -27.41
C LEU B 137 26.55 2.27 -28.03
N LYS B 138 26.70 2.69 -29.29
CA LYS B 138 27.99 2.62 -29.98
C LYS B 138 28.68 3.98 -30.00
N GLU B 139 27.89 5.05 -29.95
CA GLU B 139 28.43 6.41 -29.96
C GLU B 139 27.85 7.24 -28.82
N THR B 140 28.30 8.49 -28.69
CA THR B 140 27.71 9.42 -27.73
C THR B 140 26.73 10.39 -28.39
N VAL B 141 25.50 10.39 -27.88
CA VAL B 141 24.47 11.31 -28.35
C VAL B 141 24.09 12.28 -27.22
N ARG B 142 24.12 13.57 -27.50
CA ARG B 142 23.77 14.56 -26.49
C ARG B 142 22.63 15.43 -26.98
N VAL B 143 21.77 15.86 -26.05
CA VAL B 143 20.71 16.81 -26.37
C VAL B 143 20.62 17.88 -25.29
N GLU B 144 20.07 19.04 -25.66
CA GLU B 144 20.01 20.18 -24.76
C GLU B 144 18.68 20.94 -24.88
N ASP B 145 18.34 21.67 -23.83
CA ASP B 145 17.20 22.57 -23.81
C ASP B 145 17.45 23.62 -22.75
N GLY B 146 17.98 24.77 -23.18
CA GLY B 146 18.44 25.78 -22.25
C GLY B 146 19.65 25.27 -21.48
N ASP B 147 19.59 25.39 -20.16
CA ASP B 147 20.66 24.87 -19.31
C ASP B 147 20.53 23.36 -19.09
N LYS B 148 19.41 22.77 -19.53
CA LYS B 148 19.18 21.33 -19.37
C LYS B 148 19.97 20.55 -20.39
N TRP B 149 20.51 19.40 -19.99
CA TRP B 149 21.17 18.51 -20.94
C TRP B 149 21.09 17.03 -20.54
N ALA B 150 21.15 16.16 -21.53
CA ALA B 150 21.16 14.72 -21.30
C ALA B 150 21.99 14.03 -22.36
N GLU B 151 22.74 13.00 -21.96
CA GLU B 151 23.49 12.23 -22.94
C GLU B 151 23.44 10.73 -22.68
N LEU B 152 23.55 9.96 -23.75
CA LEU B 152 23.76 8.52 -23.67
C LEU B 152 25.10 8.20 -24.33
N SER B 153 25.93 7.42 -23.65
CA SER B 153 27.23 7.10 -24.18
C SER B 153 27.53 5.63 -23.97
N PRO B 154 28.58 5.13 -24.63
CA PRO B 154 28.99 3.72 -24.53
C PRO B 154 29.43 3.34 -23.11
N PHE B 155 28.92 2.22 -22.61
CA PHE B 155 29.34 1.68 -21.34
C PHE B 155 28.83 0.25 -21.25
N ASN B 156 29.67 -0.66 -20.75
CA ASN B 156 29.32 -2.07 -20.69
C ASN B 156 28.48 -2.40 -19.46
N GLY B 157 27.20 -2.02 -19.54
CA GLY B 157 26.28 -2.10 -18.43
C GLY B 157 25.27 -0.98 -18.63
N PHE B 158 24.66 -0.52 -17.55
CA PHE B 158 23.77 0.64 -17.66
C PHE B 158 24.04 1.50 -16.45
N ARG B 159 24.73 2.62 -16.65
CA ARG B 159 25.12 3.49 -15.56
C ARG B 159 24.35 4.78 -15.72
N LEU B 160 23.74 5.28 -14.64
CA LEU B 160 23.02 6.54 -14.69
C LEU B 160 23.61 7.55 -13.71
N ASP B 161 23.61 8.81 -14.12
CA ASP B 161 24.21 9.87 -13.33
C ASP B 161 23.30 11.08 -13.53
N PHE B 162 22.56 11.45 -12.49
CA PHE B 162 21.54 12.48 -12.64
C PHE B 162 21.78 13.57 -11.62
N THR B 163 21.72 14.83 -12.07
CA THR B 163 21.88 15.96 -11.18
C THR B 163 20.66 16.89 -11.28
N ILE B 164 20.15 17.32 -10.13
CA ILE B 164 19.12 18.34 -10.07
C ILE B 164 19.73 19.62 -9.54
N ASP B 165 19.03 20.74 -9.68
CA ASP B 165 19.56 22.02 -9.21
C ASP B 165 18.42 22.96 -8.84
N PHE B 166 17.95 22.86 -7.60
CA PHE B 166 16.73 23.58 -7.22
C PHE B 166 16.92 24.89 -6.46
N ASN B 167 18.12 25.10 -5.93
CA ASN B 167 18.35 26.23 -5.04
C ASN B 167 17.20 26.43 -4.06
N HIS B 168 16.85 25.37 -3.34
CA HIS B 168 15.71 25.40 -2.45
C HIS B 168 16.14 24.95 -1.05
N PRO B 169 15.69 25.68 -0.01
CA PRO B 169 16.07 25.40 1.38
C PRO B 169 15.83 23.94 1.79
N ALA B 170 14.85 23.28 1.19
CA ALA B 170 14.50 21.92 1.59
C ALA B 170 15.38 20.86 0.94
N ILE B 171 16.16 21.25 -0.05
CA ILE B 171 16.98 20.29 -0.79
C ILE B 171 18.46 20.63 -0.68
N ASP B 172 19.12 20.06 0.32
CA ASP B 172 20.55 20.29 0.53
C ASP B 172 21.35 20.01 -0.73
N SER B 173 22.32 20.88 -1.02
CA SER B 173 23.14 20.73 -2.21
C SER B 173 23.77 19.34 -2.27
N SER B 174 24.02 18.74 -1.11
CA SER B 174 24.74 17.47 -1.06
C SER B 174 23.86 16.31 -1.50
N THR B 175 22.58 16.58 -1.71
CA THR B 175 21.62 15.51 -2.03
C THR B 175 21.13 15.65 -3.47
N GLN B 176 21.80 16.48 -4.26
CA GLN B 176 21.27 16.81 -5.57
C GLN B 176 21.85 16.00 -6.72
N ARG B 177 22.60 14.96 -6.40
CA ARG B 177 23.14 14.09 -7.43
C ARG B 177 23.05 12.65 -6.99
N TYR B 178 22.75 11.78 -7.95
CA TYR B 178 22.69 10.36 -7.70
C TYR B 178 23.32 9.61 -8.86
N ARG B 179 24.05 8.55 -8.52
CA ARG B 179 24.69 7.71 -9.54
C ARG B 179 24.40 6.26 -9.23
N LEU B 180 24.11 5.49 -10.27
CA LEU B 180 23.67 4.11 -10.09
C LEU B 180 24.20 3.18 -11.16
N ASP B 181 24.84 2.09 -10.77
CA ASP B 181 25.08 1.02 -11.73
C ASP B 181 23.84 0.13 -11.66
N PHE B 182 23.04 0.19 -12.72
CA PHE B 182 21.70 -0.40 -12.74
C PHE B 182 21.72 -1.94 -12.83
N SER B 183 20.89 -2.56 -12.00
CA SER B 183 20.49 -3.96 -12.14
C SER B 183 19.10 -3.98 -11.57
N ALA B 184 18.38 -5.10 -11.71
CA ALA B 184 17.08 -5.19 -11.05
C ALA B 184 17.25 -4.98 -9.55
N ASP B 185 18.25 -5.63 -8.98
CA ASP B 185 18.49 -5.53 -7.55
C ASP B 185 18.67 -4.07 -7.13
N SER B 186 19.60 -3.38 -7.79
CA SER B 186 19.88 -2.02 -7.41
C SER B 186 18.71 -1.08 -7.74
N PHE B 187 17.98 -1.36 -8.83
CA PHE B 187 16.83 -0.52 -9.15
C PHE B 187 15.76 -0.63 -8.06
N VAL B 188 15.45 -1.87 -7.67
CA VAL B 188 14.39 -2.08 -6.67
C VAL B 188 14.78 -1.48 -5.32
N ARG B 189 16.01 -1.74 -4.90
CA ARG B 189 16.48 -1.32 -3.59
C ARG B 189 16.73 0.18 -3.45
N GLN B 190 17.25 0.82 -4.49
CA GLN B 190 17.66 2.22 -4.39
C GLN B 190 16.72 3.23 -5.03
N ILE B 191 16.00 2.82 -6.08
CA ILE B 191 15.29 3.79 -6.91
C ILE B 191 13.76 3.63 -6.86
N SER B 192 13.29 2.38 -6.88
CA SER B 192 11.86 2.16 -7.09
C SER B 192 10.93 2.85 -6.09
N ARG B 193 11.35 2.97 -4.83
CA ARG B 193 10.46 3.58 -3.83
C ARG B 193 10.49 5.10 -3.82
N ALA B 194 11.35 5.72 -4.62
CA ALA B 194 11.39 7.17 -4.66
C ALA B 194 10.10 7.74 -5.28
N ARG B 195 9.40 8.56 -4.51
CA ARG B 195 8.12 9.16 -4.92
C ARG B 195 8.22 10.44 -5.75
N THR B 196 7.19 10.67 -6.54
CA THR B 196 7.03 11.92 -7.23
C THR B 196 6.86 13.05 -6.22
N PHE B 197 7.11 14.27 -6.67
CA PHE B 197 7.05 15.42 -5.80
C PHE B 197 6.53 16.62 -6.56
N GLY B 198 5.92 17.54 -5.84
CA GLY B 198 5.44 18.76 -6.45
C GLY B 198 5.70 19.91 -5.51
N PHE B 199 6.07 21.06 -6.07
CA PHE B 199 6.17 22.28 -5.28
C PHE B 199 4.79 22.93 -5.25
N MET B 200 4.42 23.46 -4.08
CA MET B 200 3.09 24.02 -3.89
C MET B 200 2.76 25.06 -4.96
N ARG B 201 3.74 25.86 -5.33
CA ARG B 201 3.52 26.88 -6.35
C ARG B 201 3.10 26.23 -7.67
N ASP B 202 3.73 25.11 -8.03
CA ASP B 202 3.38 24.40 -9.26
C ASP B 202 2.03 23.68 -9.09
N ILE B 203 1.80 23.12 -7.91
CA ILE B 203 0.56 22.36 -7.67
C ILE B 203 -0.66 23.29 -7.87
N GLU B 204 -0.58 24.47 -7.28
CA GLU B 204 -1.63 25.47 -7.42
C GLU B 204 -1.82 25.90 -8.86
N TYR B 205 -0.71 26.09 -9.58
CA TYR B 205 -0.78 26.45 -10.99
C TYR B 205 -1.54 25.37 -11.76
N LEU B 206 -1.22 24.11 -11.49
CA LEU B 206 -1.82 23.01 -12.23
C LEU B 206 -3.29 22.76 -11.84
N GLN B 207 -3.58 22.79 -10.55
CA GLN B 207 -4.96 22.60 -10.06
C GLN B 207 -5.86 23.67 -10.65
N SER B 208 -5.35 24.89 -10.73
CA SER B 208 -6.14 26.02 -11.24
C SER B 208 -6.42 25.85 -12.73
N ARG B 209 -5.73 24.92 -13.38
CA ARG B 209 -5.92 24.66 -14.79
C ARG B 209 -6.51 23.27 -15.02
N GLY B 210 -7.03 22.68 -13.95
CA GLY B 210 -7.75 21.42 -14.02
C GLY B 210 -6.87 20.19 -14.02
N LEU B 211 -5.72 20.26 -13.35
CA LEU B 211 -4.82 19.11 -13.29
C LEU B 211 -4.58 18.74 -11.82
N CYS B 212 -3.82 17.68 -11.57
CA CYS B 212 -3.59 17.21 -10.19
C CYS B 212 -4.86 16.88 -9.44
N LEU B 213 -5.90 16.52 -10.17
CA LEU B 213 -7.20 16.28 -9.54
C LEU B 213 -7.13 15.10 -8.58
N GLY B 214 -6.16 14.22 -8.79
CA GLY B 214 -5.98 13.06 -7.94
C GLY B 214 -4.86 13.18 -6.93
N GLY B 215 -4.20 14.34 -6.90
CA GLY B 215 -3.10 14.56 -5.98
C GLY B 215 -3.48 14.49 -4.52
N SER B 216 -2.63 13.89 -3.71
CA SER B 216 -2.80 13.88 -2.26
C SER B 216 -1.43 13.70 -1.63
N PHE B 217 -1.35 13.87 -0.31
CA PHE B 217 -0.12 13.55 0.40
C PHE B 217 0.20 12.07 0.31
N ASP B 218 -0.81 11.25 0.05
CA ASP B 218 -0.61 9.81 -0.04
C ASP B 218 0.08 9.38 -1.34
N CYS B 219 0.19 10.27 -2.31
CA CYS B 219 0.79 9.91 -3.59
C CYS B 219 1.89 10.82 -4.07
N ALA B 220 2.31 11.80 -3.24
CA ALA B 220 3.36 12.74 -3.65
C ALA B 220 4.03 13.41 -2.45
N ILE B 221 5.31 13.69 -2.60
CA ILE B 221 6.00 14.60 -1.69
C ILE B 221 5.57 16.00 -2.05
N VAL B 222 5.08 16.76 -1.08
CA VAL B 222 4.65 18.13 -1.33
C VAL B 222 5.61 19.09 -0.63
N VAL B 223 6.10 20.08 -1.37
CA VAL B 223 7.12 20.97 -0.83
C VAL B 223 6.67 22.40 -1.02
N ASP B 224 6.75 23.22 0.03
CA ASP B 224 6.43 24.64 -0.14
C ASP B 224 7.71 25.44 -0.39
N ASP B 225 7.72 26.72 -0.04
CA ASP B 225 8.89 27.53 -0.33
C ASP B 225 10.06 27.24 0.59
N TYR B 226 9.79 26.47 1.65
CA TYR B 226 10.75 26.26 2.73
C TYR B 226 11.07 24.80 2.99
N ARG B 227 10.08 23.93 2.88
CA ARG B 227 10.21 22.58 3.45
C ARG B 227 9.24 21.55 2.88
N VAL B 228 9.49 20.29 3.26
CA VAL B 228 8.61 19.18 2.94
C VAL B 228 7.40 19.18 3.90
N LEU B 229 6.20 19.19 3.33
CA LEU B 229 4.99 19.27 4.14
C LEU B 229 4.53 17.91 4.67
N ASN B 230 4.84 16.84 3.95
CA ASN B 230 4.42 15.51 4.39
C ASN B 230 4.88 15.24 5.81
N GLU B 231 3.93 14.88 6.67
CA GLU B 231 4.17 14.69 8.09
C GLU B 231 5.25 13.64 8.38
N ASP B 232 5.31 12.61 7.54
CA ASP B 232 6.25 11.50 7.75
C ASP B 232 7.54 11.63 6.95
N GLY B 233 7.73 12.76 6.29
CA GLY B 233 9.04 13.10 5.78
C GLY B 233 9.41 12.33 4.53
N LEU B 234 10.70 12.07 4.37
CA LEU B 234 11.19 11.45 3.13
C LEU B 234 11.55 10.00 3.31
N ARG B 235 11.52 9.24 2.22
CA ARG B 235 11.94 7.85 2.27
C ARG B 235 13.45 7.73 2.18
N PHE B 236 14.06 8.71 1.54
CA PHE B 236 15.52 8.79 1.46
C PHE B 236 15.90 10.25 1.62
N GLU B 237 17.09 10.52 2.14
CA GLU B 237 17.55 11.91 2.23
C GLU B 237 17.51 12.61 0.88
N ASP B 238 17.81 11.86 -0.18
CA ASP B 238 17.89 12.39 -1.53
C ASP B 238 16.80 11.80 -2.40
N GLU B 239 15.58 11.78 -1.87
CA GLU B 239 14.47 11.16 -2.60
C GLU B 239 14.17 11.86 -3.92
N PHE B 240 14.34 13.18 -3.96
CA PHE B 240 14.03 13.94 -5.16
C PHE B 240 14.84 13.52 -6.37
N VAL B 241 16.17 13.50 -6.20
CA VAL B 241 17.02 13.13 -7.31
C VAL B 241 16.83 11.66 -7.70
N ARG B 242 16.60 10.78 -6.72
CA ARG B 242 16.32 9.38 -7.04
C ARG B 242 15.08 9.28 -7.92
N HIS B 243 14.08 10.12 -7.62
CA HIS B 243 12.85 10.06 -8.42
C HIS B 243 13.06 10.57 -9.84
N LYS B 244 13.85 11.63 -9.99
CA LYS B 244 14.19 12.10 -11.33
C LYS B 244 14.86 10.99 -12.14
N MET B 245 15.72 10.22 -11.48
CA MET B 245 16.35 9.08 -12.14
C MET B 245 15.33 7.99 -12.50
N LEU B 246 14.41 7.73 -11.59
CA LEU B 246 13.31 6.82 -11.86
C LEU B 246 12.55 7.27 -13.14
N ASP B 247 12.17 8.55 -13.21
CA ASP B 247 11.52 9.05 -14.40
C ASP B 247 12.33 8.78 -15.68
N ALA B 248 13.64 9.01 -15.61
CA ALA B 248 14.50 8.83 -16.78
C ALA B 248 14.52 7.38 -17.25
N ILE B 249 14.58 6.47 -16.29
CA ILE B 249 14.52 5.05 -16.59
C ILE B 249 13.24 4.66 -17.32
N GLY B 250 12.09 5.12 -16.81
CA GLY B 250 10.80 4.87 -17.45
C GLY B 250 10.67 5.55 -18.81
N ASP B 251 11.12 6.79 -18.90
CA ASP B 251 11.07 7.53 -20.17
C ASP B 251 11.95 6.87 -21.26
N LEU B 252 13.16 6.45 -20.88
CA LEU B 252 14.03 5.75 -21.82
C LEU B 252 13.45 4.43 -22.31
N PHE B 253 12.60 3.81 -21.51
CA PHE B 253 12.05 2.49 -21.86
C PHE B 253 10.88 2.63 -22.83
N MET B 254 10.60 3.85 -23.27
CA MET B 254 9.53 4.06 -24.25
C MET B 254 9.84 3.37 -25.59
N CYS B 255 11.09 2.93 -25.75
CA CYS B 255 11.48 2.16 -26.93
C CYS B 255 11.25 0.66 -26.77
N GLY B 256 10.99 0.22 -25.54
CA GLY B 256 10.66 -1.17 -25.28
C GLY B 256 11.87 -2.09 -25.16
N HIS B 257 13.06 -1.51 -25.10
CA HIS B 257 14.27 -2.30 -24.90
C HIS B 257 15.11 -1.74 -23.77
N ASN B 258 15.72 -2.63 -22.99
CA ASN B 258 16.72 -2.23 -22.02
C ASN B 258 17.96 -1.72 -22.74
N ILE B 259 18.57 -0.71 -22.18
CA ILE B 259 19.71 -0.06 -22.80
C ILE B 259 21.01 -0.52 -22.18
N ILE B 260 22.04 -0.66 -23.02
CA ILE B 260 23.38 -0.90 -22.53
C ILE B 260 24.21 0.33 -22.89
N GLY B 261 24.57 1.09 -21.87
CA GLY B 261 25.23 2.37 -22.07
C GLY B 261 25.22 3.15 -20.78
N ALA B 262 25.62 4.42 -20.88
CA ALA B 262 25.63 5.31 -19.72
C ALA B 262 24.75 6.52 -20.00
N PHE B 263 23.87 6.82 -19.05
CA PHE B 263 22.96 7.96 -19.16
C PHE B 263 23.43 9.02 -18.17
N THR B 264 23.76 10.20 -18.66
CA THR B 264 24.23 11.27 -17.80
C THR B 264 23.39 12.51 -18.08
N ALA B 265 22.86 13.12 -17.02
CA ALA B 265 21.97 14.26 -17.21
C ALA B 265 21.96 15.30 -16.11
N TYR B 266 21.53 16.49 -16.50
CA TYR B 266 21.37 17.62 -15.62
C TYR B 266 20.02 18.26 -15.92
N LYS B 267 19.11 18.20 -14.94
CA LYS B 267 17.77 18.78 -15.05
C LYS B 267 16.91 18.27 -16.21
N SER B 268 17.12 17.02 -16.63
CA SER B 268 16.36 16.48 -17.74
C SER B 268 14.99 15.92 -17.32
N GLY B 269 13.91 16.46 -17.88
CA GLY B 269 12.56 15.98 -17.61
C GLY B 269 12.02 15.12 -18.74
N HIS B 270 10.69 14.91 -18.76
CA HIS B 270 10.10 13.97 -19.73
C HIS B 270 10.33 14.37 -21.19
N ALA B 271 10.21 15.66 -21.49
CA ALA B 271 10.40 16.12 -22.85
C ALA B 271 11.84 15.87 -23.31
N LEU B 272 12.81 16.35 -22.53
CA LEU B 272 14.21 16.18 -22.92
C LEU B 272 14.66 14.72 -22.97
N ASN B 273 14.21 13.91 -22.01
CA ASN B 273 14.48 12.47 -22.03
C ASN B 273 13.99 11.86 -23.33
N ASN B 274 12.78 12.22 -23.73
CA ASN B 274 12.22 11.66 -24.96
C ASN B 274 12.98 12.19 -26.19
N LYS B 275 13.35 13.46 -26.15
CA LYS B 275 14.15 14.03 -27.23
C LYS B 275 15.43 13.23 -27.41
N LEU B 276 16.10 12.91 -26.30
CA LEU B 276 17.32 12.11 -26.35
C LEU B 276 17.08 10.72 -26.91
N LEU B 277 15.99 10.09 -26.49
CA LEU B 277 15.64 8.76 -26.97
C LEU B 277 15.42 8.76 -28.48
N GLN B 278 14.61 9.70 -28.97
CA GLN B 278 14.30 9.77 -30.40
C GLN B 278 15.56 10.03 -31.21
N ALA B 279 16.40 10.92 -30.71
CA ALA B 279 17.67 11.29 -31.35
C ALA B 279 18.67 10.13 -31.46
N VAL B 280 18.58 9.17 -30.54
CA VAL B 280 19.44 7.98 -30.62
C VAL B 280 18.87 6.99 -31.61
N LEU B 281 17.56 6.77 -31.52
CA LEU B 281 16.91 5.83 -32.40
C LEU B 281 17.10 6.23 -33.86
N ALA B 282 17.15 7.54 -34.11
CA ALA B 282 17.23 8.08 -35.45
C ALA B 282 18.61 7.95 -36.09
N LYS B 283 19.65 7.86 -35.25
CA LYS B 283 21.00 7.60 -35.74
C LYS B 283 21.29 6.11 -35.61
N GLN B 284 20.94 5.35 -36.64
CA GLN B 284 21.06 3.89 -36.57
C GLN B 284 22.52 3.47 -36.37
N GLU B 285 23.44 4.34 -36.76
CA GLU B 285 24.87 4.05 -36.63
C GLU B 285 25.35 4.17 -35.19
N ALA B 286 24.59 4.88 -34.35
CA ALA B 286 25.03 5.14 -32.98
C ALA B 286 24.63 4.02 -32.03
N TRP B 287 23.85 3.07 -32.52
CA TRP B 287 23.43 1.96 -31.69
C TRP B 287 23.24 0.69 -32.49
N GLU B 288 23.10 -0.42 -31.80
CA GLU B 288 22.77 -1.69 -32.40
C GLU B 288 21.98 -2.51 -31.40
N PHE B 289 21.15 -3.42 -31.90
CA PHE B 289 20.56 -4.42 -31.03
C PHE B 289 21.61 -5.49 -30.75
N VAL B 290 21.62 -6.01 -29.53
CA VAL B 290 22.51 -7.13 -29.21
C VAL B 290 21.76 -8.19 -28.41
N THR B 291 22.17 -9.43 -28.58
CA THR B 291 21.69 -10.52 -27.75
C THR B 291 22.89 -11.19 -27.11
N PHE B 292 22.64 -12.08 -26.17
CA PHE B 292 23.72 -12.80 -25.52
C PHE B 292 23.38 -14.28 -25.43
N GLN B 293 24.36 -15.13 -25.67
CA GLN B 293 24.13 -16.56 -25.61
C GLN B 293 24.71 -17.12 -24.31
N ASP B 294 25.79 -16.49 -23.85
CA ASP B 294 26.41 -16.86 -22.58
C ASP B 294 25.93 -15.93 -21.48
N GLU B 295 25.15 -16.48 -20.57
CA GLU B 295 24.55 -15.69 -19.50
C GLU B 295 25.59 -14.97 -18.67
N ALA B 296 26.75 -15.61 -18.47
CA ALA B 296 27.78 -15.07 -17.61
C ALA B 296 28.45 -13.83 -18.20
N GLU B 297 28.16 -13.53 -19.46
CA GLU B 297 28.76 -12.37 -20.12
C GLU B 297 27.79 -11.20 -20.27
N MET B 298 26.53 -11.42 -19.93
CA MET B 298 25.54 -10.36 -20.03
C MET B 298 25.87 -9.25 -19.04
N PRO B 299 25.86 -7.99 -19.50
CA PRO B 299 26.31 -6.85 -18.70
C PRO B 299 25.26 -6.35 -17.70
N LEU B 300 24.01 -6.74 -17.89
CA LEU B 300 22.95 -6.34 -16.98
C LEU B 300 22.43 -7.57 -16.25
N ALA B 301 21.89 -7.36 -15.06
CA ALA B 301 21.35 -8.45 -14.27
C ALA B 301 19.93 -8.10 -13.90
N PHE B 302 19.02 -9.06 -14.01
CA PHE B 302 17.61 -8.81 -13.75
C PHE B 302 16.99 -9.65 -12.61
N LYS B 303 17.81 -10.35 -11.84
CA LYS B 303 17.28 -11.01 -10.66
C LYS B 303 16.79 -10.02 -9.60
N ALA B 304 15.51 -10.13 -9.23
CA ALA B 304 14.95 -9.23 -8.23
C ALA B 304 15.43 -9.61 -6.82
N PRO B 305 15.40 -8.64 -5.89
CA PRO B 305 15.78 -8.89 -4.50
C PRO B 305 14.85 -9.89 -3.82
#